data_3V0N
#
_entry.id   3V0N
#
_cell.length_a   78.200
_cell.length_b   153.830
_cell.length_c   52.400
_cell.angle_alpha   90.000
_cell.angle_beta   90.000
_cell.angle_gamma   90.000
#
_symmetry.space_group_name_H-M   'P 21 21 2'
#
loop_
_entity.id
_entity.type
_entity.pdbx_description
1 polymer 'Histo-blood group ABO system transferase'
2 non-polymer 'MANGANESE (II) ION'
3 non-polymer "5-(5-formylthiophen-2-yl)uridine 5'-(trihydrogen diphosphate)"
4 non-polymer GLYCEROL
5 non-polymer 'SULFATE ION'
6 non-polymer "5-(5-formylthiophen-2-yl)uridine-5'(2-(acetylamino)-2-deoxy-alpha-D-galactosyl)-diphosphate"
7 water water
#
_entity_poly.entity_id   1
_entity_poly.type   'polypeptide(L)'
_entity_poly.pdbx_seq_one_letter_code
;MAIGEFMVSLPRMVYPQPKVLTPCRKDVLVVTPWLAPIVWEGTFNIDILNEQFRLQNTTIGLTVFAIKKYVAFLKLFLET
AEKHFMVGHRVHYYVFTDQPAAVPRVTLGTGRQLSVLEVRAYKRWQDVSMRRMEMISDFCERRFLSEVDYLVCVDVDMEF
RDHVGVEILTPLFGTLHPGFYGSSREAFTYERRPQSQAYIPKDEGDFYYGGAFFGGSVQEVQRLTRACHQAMMVDQANGI
EAVWHDESHLNKYLLRHKPTKVLSPEYLWDQQLLGWPAVLRKLRFTAVPKNHQAVRNP
;
_entity_poly.pdbx_strand_id   A,B
#
# COMPACT_ATOMS: atom_id res chain seq x y z
N ALA A 2 7.36 -1.97 -16.77
CA ALA A 2 5.92 -1.75 -16.77
C ALA A 2 5.45 -1.70 -15.34
N ILE A 3 4.19 -1.30 -15.15
CA ILE A 3 3.56 -1.51 -13.86
C ILE A 3 2.60 -2.68 -14.01
N GLY A 4 2.93 -3.80 -13.37
CA GLY A 4 2.17 -5.02 -13.51
C GLY A 4 0.73 -4.85 -13.06
N GLU A 5 -0.19 -5.46 -13.80
CA GLU A 5 -1.59 -5.45 -13.43
C GLU A 5 -1.87 -6.28 -12.18
N PHE A 6 -1.11 -7.36 -12.00
CA PHE A 6 -1.36 -8.31 -10.91
C PHE A 6 -0.14 -8.53 -10.01
N MET A 7 -0.37 -9.14 -8.84
CA MET A 7 0.73 -9.51 -7.97
C MET A 7 1.68 -10.43 -8.74
N VAL A 8 2.99 -10.22 -8.58
CA VAL A 8 3.99 -11.10 -9.21
C VAL A 8 4.35 -12.33 -8.37
N SER A 9 4.84 -13.37 -9.05
CA SER A 9 5.25 -14.61 -8.37
C SER A 9 6.75 -14.65 -8.14
N LEU A 10 7.15 -14.70 -6.87
CA LEU A 10 8.56 -14.68 -6.50
C LEU A 10 9.16 -16.07 -6.48
N PRO A 11 10.47 -16.18 -6.74
CA PRO A 11 11.13 -17.47 -6.53
C PRO A 11 11.33 -17.75 -5.04
N ARG A 12 11.71 -18.98 -4.69
CA ARG A 12 12.09 -19.27 -3.30
C ARG A 12 13.14 -18.26 -2.82
N MET A 13 12.97 -17.75 -1.59
CA MET A 13 13.95 -16.86 -0.98
C MET A 13 14.18 -17.22 0.48
N VAL A 14 15.42 -17.09 0.93
CA VAL A 14 15.76 -17.35 2.34
C VAL A 14 16.09 -16.03 3.03
N TYR A 15 15.28 -15.64 4.01
CA TYR A 15 15.54 -14.43 4.78
C TYR A 15 14.94 -14.60 6.17
N PRO A 16 15.30 -13.71 7.09
CA PRO A 16 14.79 -13.85 8.46
C PRO A 16 13.27 -13.74 8.52
N GLN A 17 12.65 -14.58 9.34
CA GLN A 17 11.20 -14.51 9.54
C GLN A 17 10.78 -13.16 10.15
N PRO A 18 9.72 -12.54 9.60
CA PRO A 18 9.22 -11.31 10.24
C PRO A 18 8.65 -11.68 11.61
N LYS A 19 8.81 -10.81 12.60
CA LYS A 19 8.40 -11.15 13.96
C LYS A 19 7.17 -10.37 14.38
N VAL A 20 6.02 -11.04 14.39
CA VAL A 20 4.76 -10.37 14.66
C VAL A 20 4.73 -9.67 16.02
N LEU A 21 5.37 -10.29 17.01
CA LEU A 21 5.31 -9.76 18.38
C LEU A 21 6.58 -9.04 18.79
N THR A 22 7.52 -8.88 17.88
CA THR A 22 8.72 -8.11 18.21
C THR A 22 9.20 -7.20 17.10
N PRO A 23 8.45 -6.11 16.83
CA PRO A 23 8.77 -5.17 15.76
C PRO A 23 10.13 -4.50 15.95
N CYS A 24 10.91 -4.33 14.88
CA CYS A 24 12.22 -3.67 14.97
C CYS A 24 12.10 -2.19 15.35
N ARG A 25 11.28 -1.43 14.61
CA ARG A 25 11.14 0.00 14.94
C ARG A 25 10.01 0.28 15.95
N LYS A 26 10.38 0.63 17.18
CA LYS A 26 9.41 0.96 18.23
C LYS A 26 9.45 2.45 18.53
N ASP A 27 10.38 3.14 17.91
CA ASP A 27 10.64 4.54 18.22
C ASP A 27 9.94 5.52 17.28
N VAL A 28 9.36 5.01 16.19
CA VAL A 28 8.75 5.89 15.18
C VAL A 28 7.47 5.27 14.65
N LEU A 29 6.59 6.13 14.13
CA LEU A 29 5.39 5.66 13.42
C LEU A 29 5.82 5.08 12.06
N VAL A 30 5.42 3.83 11.77
CA VAL A 30 5.80 3.23 10.48
C VAL A 30 4.61 3.00 9.54
N VAL A 31 3.43 3.48 9.93
CA VAL A 31 2.27 3.43 9.03
C VAL A 31 1.39 4.63 9.33
N THR A 32 0.86 5.27 8.30
CA THR A 32 -0.02 6.44 8.53
C THR A 32 -1.43 5.97 8.88
N PRO A 33 -2.30 6.90 9.32
CA PRO A 33 -3.65 6.45 9.69
C PRO A 33 -4.50 6.03 8.50
N TRP A 34 -4.03 6.24 7.27
CA TRP A 34 -4.73 5.71 6.11
C TRP A 34 -3.98 4.51 5.56
N LEU A 35 -3.16 3.91 6.43
CA LEU A 35 -2.46 2.64 6.14
C LEU A 35 -1.44 2.72 5.01
N ALA A 36 -0.79 3.85 4.90
CA ALA A 36 0.36 3.94 4.00
C ALA A 36 1.62 3.71 4.81
N PRO A 37 2.54 2.88 4.29
CA PRO A 37 3.80 2.72 5.02
C PRO A 37 4.57 4.04 5.11
N ILE A 38 5.23 4.27 6.23
CA ILE A 38 6.22 5.33 6.35
C ILE A 38 7.57 4.62 6.34
N VAL A 39 8.39 4.97 5.36
CA VAL A 39 9.58 4.19 5.04
C VAL A 39 10.81 4.62 5.84
N TRP A 40 11.21 3.74 6.75
CA TRP A 40 12.38 3.93 7.59
C TRP A 40 13.28 2.69 7.44
N GLU A 41 14.58 2.85 7.67
CA GLU A 41 15.43 1.68 7.78
C GLU A 41 14.90 0.72 8.87
N GLY A 42 14.85 -0.57 8.53
CA GLY A 42 14.36 -1.58 9.45
C GLY A 42 12.91 -1.98 9.17
N THR A 43 12.26 -1.26 8.27
CA THR A 43 10.88 -1.60 7.93
C THR A 43 10.77 -2.48 6.69
N PHE A 44 11.83 -2.54 5.90
CA PHE A 44 11.73 -3.28 4.65
C PHE A 44 12.90 -4.23 4.40
N ASN A 45 12.60 -5.31 3.68
CA ASN A 45 13.62 -6.23 3.18
C ASN A 45 13.82 -5.88 1.72
N ILE A 46 14.96 -5.27 1.40
CA ILE A 46 15.14 -4.77 0.04
C ILE A 46 15.25 -5.91 -0.98
N ASP A 47 15.64 -7.09 -0.54
CA ASP A 47 15.76 -8.22 -1.48
C ASP A 47 14.38 -8.62 -1.99
N ILE A 48 13.39 -8.64 -1.10
CA ILE A 48 12.03 -8.96 -1.53
C ILE A 48 11.53 -7.89 -2.49
N LEU A 49 11.71 -6.64 -2.11
CA LEU A 49 11.19 -5.54 -2.94
C LEU A 49 11.89 -5.49 -4.30
N ASN A 50 13.21 -5.66 -4.32
CA ASN A 50 13.92 -5.68 -5.61
C ASN A 50 13.37 -6.75 -6.54
N GLU A 51 13.10 -7.93 -5.99
CA GLU A 51 12.55 -9.01 -6.80
C GLU A 51 11.20 -8.58 -7.37
N GLN A 52 10.32 -8.04 -6.52
CA GLN A 52 8.99 -7.65 -7.00
C GLN A 52 9.07 -6.63 -8.14
N PHE A 53 9.93 -5.63 -7.96
CA PHE A 53 10.03 -4.57 -8.99
C PHE A 53 10.79 -4.98 -10.23
N ARG A 54 11.86 -5.76 -10.08
CA ARG A 54 12.58 -6.29 -11.25
C ARG A 54 11.71 -7.20 -12.10
N LEU A 55 10.87 -8.02 -11.47
CA LEU A 55 10.00 -8.90 -12.24
C LEU A 55 9.01 -8.11 -13.11
N GLN A 56 8.82 -6.84 -12.81
CA GLN A 56 8.00 -6.00 -13.67
C GLN A 56 8.81 -5.12 -14.62
N ASN A 57 10.13 -5.31 -14.67
CA ASN A 57 11.03 -4.49 -15.50
CA ASN A 57 10.98 -4.50 -15.53
C ASN A 57 10.69 -3.02 -15.30
N THR A 58 10.73 -2.61 -14.04
CA THR A 58 10.37 -1.26 -13.68
C THR A 58 11.40 -0.26 -14.17
N THR A 59 10.93 0.80 -14.82
CA THR A 59 11.78 1.93 -15.17
C THR A 59 11.45 3.15 -14.34
N ILE A 60 12.46 3.73 -13.72
CA ILE A 60 12.24 4.89 -12.87
C ILE A 60 12.80 6.15 -13.50
N GLY A 61 11.96 7.17 -13.67
CA GLY A 61 12.46 8.47 -14.09
C GLY A 61 12.82 9.35 -12.90
N LEU A 62 13.90 10.13 -13.02
CA LEU A 62 14.34 11.03 -11.94
C LEU A 62 14.51 12.42 -12.53
N THR A 63 13.67 13.38 -12.11
CA THR A 63 13.71 14.74 -12.65
C THR A 63 14.49 15.66 -11.73
N VAL A 64 15.27 16.54 -12.33
CA VAL A 64 16.00 17.52 -11.57
CA VAL A 64 16.00 17.54 -11.57
C VAL A 64 16.06 18.79 -12.39
N PHE A 65 15.94 19.94 -11.72
CA PHE A 65 16.06 21.22 -12.40
C PHE A 65 17.40 21.84 -12.06
N ALA A 66 18.11 22.26 -13.09
CA ALA A 66 19.43 22.87 -12.94
C ALA A 66 19.44 24.14 -13.79
N ILE A 67 18.79 25.16 -13.24
CA ILE A 67 18.55 26.43 -13.94
C ILE A 67 19.53 27.47 -13.42
N LYS A 68 20.10 28.28 -14.33
CA LYS A 68 21.10 29.26 -13.98
C LYS A 68 22.30 28.64 -13.25
N LYS A 69 22.67 29.15 -12.07
CA LYS A 69 23.91 28.70 -11.44
C LYS A 69 23.83 27.30 -10.84
N TYR A 70 22.61 26.78 -10.73
CA TYR A 70 22.43 25.46 -10.12
C TYR A 70 22.94 24.31 -11.00
N VAL A 71 23.38 24.59 -12.23
CA VAL A 71 24.09 23.57 -13.02
C VAL A 71 25.33 23.04 -12.28
N ALA A 72 25.92 23.86 -11.41
CA ALA A 72 27.10 23.44 -10.64
C ALA A 72 26.87 22.22 -9.75
N PHE A 73 25.62 21.96 -9.37
CA PHE A 73 25.27 20.82 -8.51
C PHE A 73 25.13 19.49 -9.24
N LEU A 74 25.13 19.53 -10.56
CA LEU A 74 24.78 18.35 -11.34
C LEU A 74 25.79 17.23 -11.25
N LYS A 75 27.08 17.58 -11.27
CA LYS A 75 28.10 16.52 -11.27
C LYS A 75 27.97 15.61 -10.05
N LEU A 76 27.94 16.20 -8.86
CA LEU A 76 27.86 15.41 -7.63
C LEU A 76 26.51 14.70 -7.52
N PHE A 77 25.45 15.41 -7.89
CA PHE A 77 24.09 14.82 -7.86
C PHE A 77 24.07 13.53 -8.68
N LEU A 78 24.51 13.62 -9.94
CA LEU A 78 24.48 12.49 -10.85
C LEU A 78 25.46 11.36 -10.50
N GLU A 79 26.68 11.71 -10.10
CA GLU A 79 27.67 10.69 -9.75
C GLU A 79 27.23 9.92 -8.52
N THR A 80 26.63 10.62 -7.55
CA THR A 80 26.16 9.91 -6.37
C THR A 80 24.86 9.13 -6.63
N ALA A 81 24.01 9.67 -7.51
CA ALA A 81 22.83 8.88 -7.92
C ALA A 81 23.26 7.56 -8.57
N GLU A 82 24.33 7.59 -9.37
CA GLU A 82 24.85 6.34 -9.95
C GLU A 82 25.23 5.31 -8.89
N LYS A 83 25.72 5.78 -7.74
CA LYS A 83 26.14 4.87 -6.70
C LYS A 83 24.98 4.33 -5.85
N HIS A 84 23.89 5.09 -5.76
CA HIS A 84 22.90 4.84 -4.70
C HIS A 84 21.43 4.78 -5.12
N PHE A 85 21.10 5.29 -6.29
CA PHE A 85 19.70 5.43 -6.66
C PHE A 85 19.28 4.30 -7.58
N MET A 86 18.38 3.45 -7.07
CA MET A 86 17.74 2.42 -7.91
C MET A 86 18.74 1.52 -8.63
N VAL A 87 19.88 1.26 -8.01
CA VAL A 87 20.88 0.42 -8.68
C VAL A 87 20.33 -0.98 -8.94
N GLY A 88 20.43 -1.44 -10.18
CA GLY A 88 19.94 -2.75 -10.59
C GLY A 88 18.69 -2.62 -11.44
N HIS A 89 18.10 -1.42 -11.41
CA HIS A 89 16.85 -1.14 -12.13
C HIS A 89 17.08 -0.18 -13.27
N ARG A 90 16.13 -0.08 -14.19
CA ARG A 90 16.22 0.87 -15.29
C ARG A 90 15.97 2.28 -14.76
N VAL A 91 16.87 3.22 -15.10
CA VAL A 91 16.73 4.61 -14.64
C VAL A 91 16.85 5.55 -15.82
N HIS A 92 16.00 6.56 -15.83
CA HIS A 92 16.10 7.60 -16.86
C HIS A 92 16.14 8.93 -16.15
N TYR A 93 17.30 9.60 -16.22
CA TYR A 93 17.44 10.92 -15.65
C TYR A 93 16.91 11.96 -16.62
N TYR A 94 16.18 12.95 -16.10
CA TYR A 94 15.73 14.08 -16.90
C TYR A 94 16.26 15.36 -16.27
N VAL A 95 17.19 16.00 -16.95
CA VAL A 95 17.79 17.22 -16.43
C VAL A 95 17.17 18.40 -17.16
N PHE A 96 16.30 19.12 -16.47
CA PHE A 96 15.72 20.35 -17.00
C PHE A 96 16.73 21.49 -16.81
N THR A 97 17.15 22.15 -17.89
CA THR A 97 18.15 23.21 -17.74
C THR A 97 18.02 24.28 -18.81
N ASP A 98 18.49 25.49 -18.51
CA ASP A 98 18.59 26.53 -19.51
C ASP A 98 19.97 26.53 -20.19
N GLN A 99 20.86 25.63 -19.75
CA GLN A 99 22.23 25.52 -20.27
C GLN A 99 22.60 24.09 -20.64
N PRO A 100 22.07 23.57 -21.75
CA PRO A 100 22.40 22.19 -22.13
C PRO A 100 23.91 21.92 -22.18
N ALA A 101 24.69 22.87 -22.68
CA ALA A 101 26.12 22.63 -22.83
C ALA A 101 26.85 22.52 -21.48
N ALA A 102 26.18 22.93 -20.41
CA ALA A 102 26.78 22.94 -19.08
C ALA A 102 26.53 21.66 -18.29
N VAL A 103 25.73 20.75 -18.84
CA VAL A 103 25.51 19.47 -18.18
C VAL A 103 26.80 18.65 -18.23
N PRO A 104 27.29 18.22 -17.05
CA PRO A 104 28.58 17.53 -17.02
C PRO A 104 28.51 16.13 -17.61
N ARG A 105 29.63 15.65 -18.12
CA ARG A 105 29.70 14.27 -18.61
C ARG A 105 29.82 13.34 -17.41
N VAL A 106 28.85 12.43 -17.29
CA VAL A 106 28.82 11.45 -16.21
C VAL A 106 28.60 10.06 -16.79
N THR A 107 29.52 9.16 -16.48
CA THR A 107 29.44 7.79 -16.94
C THR A 107 28.31 7.05 -16.25
N LEU A 108 27.44 6.40 -17.01
CA LEU A 108 26.27 5.75 -16.43
C LEU A 108 26.37 4.24 -16.51
N GLY A 109 25.83 3.56 -15.50
CA GLY A 109 25.73 2.11 -15.52
C GLY A 109 24.77 1.59 -16.58
N THR A 110 24.84 0.29 -16.86
CA THR A 110 23.98 -0.29 -17.86
C THR A 110 22.52 -0.14 -17.43
N GLY A 111 21.68 0.12 -18.43
CA GLY A 111 20.24 0.29 -18.23
C GLY A 111 19.85 1.66 -17.71
N ARG A 112 20.79 2.61 -17.74
CA ARG A 112 20.57 3.93 -17.19
C ARG A 112 20.89 4.93 -18.29
N GLN A 113 20.05 5.95 -18.43
CA GLN A 113 20.28 6.94 -19.46
C GLN A 113 19.86 8.32 -18.98
N LEU A 114 20.28 9.34 -19.73
CA LEU A 114 20.01 10.71 -19.31
C LEU A 114 19.52 11.50 -20.51
N SER A 115 18.47 12.28 -20.29
CA SER A 115 17.96 13.22 -21.28
C SER A 115 18.10 14.64 -20.75
N VAL A 116 18.52 15.56 -21.61
CA VAL A 116 18.59 16.97 -21.24
C VAL A 116 17.38 17.71 -21.83
N LEU A 117 16.59 18.34 -20.98
CA LEU A 117 15.38 19.01 -21.44
C LEU A 117 15.64 20.50 -21.34
N GLU A 118 15.75 21.17 -22.49
CA GLU A 118 16.01 22.61 -22.48
C GLU A 118 14.75 23.43 -22.16
N VAL A 119 14.81 24.24 -21.10
CA VAL A 119 13.65 25.06 -20.70
C VAL A 119 14.02 26.50 -20.37
N ARG A 120 13.01 27.34 -20.21
CA ARG A 120 13.25 28.75 -19.94
C ARG A 120 13.64 28.99 -18.50
N ALA A 121 14.51 29.98 -18.29
CA ALA A 121 14.91 30.42 -16.96
C ALA A 121 14.11 31.63 -16.53
N TYR A 122 13.35 31.49 -15.44
CA TYR A 122 12.59 32.63 -14.93
C TYR A 122 13.49 33.56 -14.15
N LYS A 123 13.17 34.85 -14.20
CA LYS A 123 13.96 35.84 -13.47
C LYS A 123 13.91 35.63 -11.96
N ARG A 124 12.72 35.44 -11.40
CA ARG A 124 12.58 35.32 -9.95
C ARG A 124 12.82 33.89 -9.53
N TRP A 125 13.67 33.70 -8.52
CA TRP A 125 13.91 32.32 -8.03
C TRP A 125 12.62 31.65 -7.56
N GLN A 126 11.67 32.45 -7.06
CA GLN A 126 10.38 31.91 -6.62
C GLN A 126 9.67 31.22 -7.77
N ASP A 127 9.69 31.87 -8.94
CA ASP A 127 9.14 31.30 -10.17
C ASP A 127 9.94 30.11 -10.73
N VAL A 128 11.27 30.19 -10.66
CA VAL A 128 12.07 29.04 -11.05
C VAL A 128 11.60 27.80 -10.25
N SER A 129 11.48 27.95 -8.94
CA SER A 129 11.05 26.84 -8.07
C SER A 129 9.62 26.39 -8.36
N MET A 130 8.71 27.37 -8.44
CA MET A 130 7.30 27.07 -8.63
CA MET A 130 7.30 27.06 -8.63
C MET A 130 7.00 26.49 -10.01
N ARG A 131 7.69 26.99 -11.04
CA ARG A 131 7.39 26.56 -12.40
C ARG A 131 7.80 25.13 -12.72
N ARG A 132 8.55 24.52 -11.80
CA ARG A 132 8.84 23.11 -11.92
C ARG A 132 7.56 22.29 -12.08
N MET A 133 6.50 22.66 -11.38
CA MET A 133 5.27 21.89 -11.46
C MET A 133 4.71 21.90 -12.88
N GLU A 134 4.57 23.08 -13.46
CA GLU A 134 4.10 23.17 -14.83
C GLU A 134 4.97 22.33 -15.78
N MET A 135 6.28 22.46 -15.60
CA MET A 135 7.23 21.84 -16.51
C MET A 135 7.20 20.31 -16.40
N ILE A 136 7.11 19.82 -15.19
CA ILE A 136 7.00 18.37 -15.00
C ILE A 136 5.70 17.90 -15.64
N SER A 137 4.61 18.61 -15.36
CA SER A 137 3.32 18.17 -15.87
C SER A 137 3.36 18.12 -17.41
N ASP A 138 3.91 19.18 -18.01
CA ASP A 138 3.97 19.26 -19.47
CA ASP A 138 3.99 19.27 -19.47
C ASP A 138 4.74 18.06 -20.04
N PHE A 139 5.88 17.73 -19.44
CA PHE A 139 6.68 16.63 -19.98
C PHE A 139 6.11 15.26 -19.65
N CYS A 140 5.17 15.19 -18.72
CA CYS A 140 4.51 13.91 -18.46
C CYS A 140 3.81 13.51 -19.72
N GLU A 141 3.15 14.49 -20.35
CA GLU A 141 2.41 14.22 -21.57
C GLU A 141 3.39 14.03 -22.73
N ARG A 142 4.40 14.88 -22.79
CA ARG A 142 5.31 14.84 -23.93
C ARG A 142 6.25 13.63 -24.00
N ARG A 143 6.70 13.14 -22.84
CA ARG A 143 7.79 12.17 -22.77
C ARG A 143 7.57 11.09 -21.73
N PHE A 144 7.20 11.47 -20.51
CA PHE A 144 7.33 10.52 -19.39
C PHE A 144 6.37 9.34 -19.47
N LEU A 145 5.17 9.58 -19.98
CA LEU A 145 4.16 8.52 -20.01
C LEU A 145 4.64 7.36 -20.90
N SER A 146 5.37 7.69 -21.96
CA SER A 146 5.91 6.68 -22.87
C SER A 146 7.24 6.07 -22.39
N GLU A 147 7.96 6.76 -21.52
CA GLU A 147 9.34 6.38 -21.22
C GLU A 147 9.60 5.70 -19.89
N VAL A 148 8.79 6.01 -18.87
CA VAL A 148 9.05 5.49 -17.54
C VAL A 148 7.76 5.07 -16.85
N ASP A 149 7.92 4.26 -15.80
CA ASP A 149 6.78 3.79 -15.01
C ASP A 149 6.50 4.68 -13.81
N TYR A 150 7.56 5.10 -13.14
CA TYR A 150 7.44 6.00 -11.99
C TYR A 150 8.30 7.22 -12.21
N LEU A 151 7.91 8.33 -11.58
CA LEU A 151 8.72 9.56 -11.58
C LEU A 151 9.07 9.92 -10.17
N VAL A 152 10.33 10.28 -9.98
CA VAL A 152 10.81 10.78 -8.71
C VAL A 152 11.33 12.21 -9.00
N CYS A 153 10.81 13.18 -8.27
CA CYS A 153 11.07 14.59 -8.57
C CYS A 153 11.80 15.22 -7.38
N VAL A 154 13.04 15.65 -7.60
CA VAL A 154 13.89 16.12 -6.50
C VAL A 154 14.60 17.44 -6.79
N ASP A 155 15.08 18.07 -5.73
CA ASP A 155 15.97 19.23 -5.80
C ASP A 155 17.35 18.75 -6.27
N VAL A 156 18.09 19.64 -6.92
CA VAL A 156 19.41 19.30 -7.46
C VAL A 156 20.58 19.58 -6.48
N ASP A 157 20.36 20.47 -5.51
CA ASP A 157 21.41 20.90 -4.56
C ASP A 157 21.59 19.84 -3.47
N MET A 158 21.79 18.59 -3.89
CA MET A 158 21.69 17.45 -2.99
C MET A 158 22.68 16.39 -3.42
N GLU A 159 22.95 15.44 -2.54
CA GLU A 159 23.76 14.28 -2.94
C GLU A 159 23.21 13.04 -2.27
N PHE A 160 23.32 11.91 -2.96
CA PHE A 160 22.94 10.64 -2.37
C PHE A 160 24.10 10.14 -1.54
N ARG A 161 23.82 9.67 -0.33
CA ARG A 161 24.87 9.15 0.52
C ARG A 161 24.64 7.71 0.91
N ASP A 162 23.44 7.20 0.61
CA ASP A 162 23.12 5.82 0.93
C ASP A 162 21.96 5.39 0.04
N HIS A 163 21.59 4.14 0.17
CA HIS A 163 20.57 3.52 -0.68
C HIS A 163 19.27 4.31 -0.78
N VAL A 164 18.85 4.59 -2.03
CA VAL A 164 17.49 5.08 -2.30
C VAL A 164 16.99 4.18 -3.41
N GLY A 165 16.03 3.31 -3.08
CA GLY A 165 15.65 2.26 -3.99
C GLY A 165 14.16 2.05 -4.13
N VAL A 166 13.79 0.87 -4.60
CA VAL A 166 12.40 0.61 -4.99
C VAL A 166 11.42 0.61 -3.81
N GLU A 167 11.95 0.61 -2.60
CA GLU A 167 11.12 0.74 -1.39
C GLU A 167 10.29 2.03 -1.42
N ILE A 168 10.72 3.03 -2.20
CA ILE A 168 9.94 4.26 -2.24
C ILE A 168 8.82 4.24 -3.27
N LEU A 169 8.82 3.26 -4.18
CA LEU A 169 7.92 3.33 -5.32
C LEU A 169 6.49 2.89 -4.95
N THR A 170 5.51 3.60 -5.49
CA THR A 170 4.10 3.48 -5.08
C THR A 170 3.36 4.50 -5.95
N PRO A 171 2.01 4.42 -6.01
CA PRO A 171 1.30 5.40 -6.86
C PRO A 171 1.58 6.86 -6.52
N LEU A 172 1.71 7.22 -5.25
CA LEU A 172 1.92 8.62 -4.91
C LEU A 172 2.66 8.72 -3.60
N PHE A 173 3.81 9.41 -3.58
CA PHE A 173 4.50 9.56 -2.31
C PHE A 173 4.97 10.98 -2.02
N GLY A 174 5.03 11.30 -0.74
CA GLY A 174 5.64 12.51 -0.24
C GLY A 174 6.70 12.10 0.76
N THR A 175 7.49 13.09 1.16
CA THR A 175 8.60 12.86 2.08
C THR A 175 8.46 13.82 3.25
N LEU A 176 8.67 13.32 4.47
CA LEU A 176 8.67 14.17 5.68
C LEU A 176 9.82 15.18 5.64
N HIS A 177 9.48 16.46 5.68
CA HIS A 177 10.47 17.53 5.67
C HIS A 177 11.31 17.39 6.96
N PRO A 178 12.64 17.50 6.85
CA PRO A 178 13.46 17.23 8.03
C PRO A 178 13.28 18.25 9.15
N GLY A 179 12.72 19.42 8.85
CA GLY A 179 12.60 20.43 9.88
C GLY A 179 11.37 20.28 10.74
N PHE A 180 10.48 19.36 10.39
CA PHE A 180 9.15 19.31 11.02
C PHE A 180 8.64 17.92 11.38
N TYR A 181 9.44 16.88 11.15
CA TYR A 181 8.89 15.52 11.34
C TYR A 181 8.44 15.29 12.79
N GLY A 182 9.05 16.00 13.73
CA GLY A 182 8.69 15.90 15.13
C GLY A 182 7.82 17.03 15.64
N SER A 183 7.31 17.87 14.74
CA SER A 183 6.58 19.06 15.15
C SER A 183 5.07 18.85 15.18
N SER A 184 4.38 19.67 15.98
CA SER A 184 2.93 19.68 15.98
C SER A 184 2.42 20.44 14.76
N ARG A 185 1.19 20.13 14.34
CA ARG A 185 0.69 20.65 13.08
C ARG A 185 0.52 22.17 13.11
N GLU A 186 0.36 22.73 14.31
CA GLU A 186 0.27 24.18 14.45
C GLU A 186 1.60 24.86 14.12
N ALA A 187 2.70 24.13 14.26
CA ALA A 187 4.03 24.65 13.95
C ALA A 187 4.43 24.43 12.48
N PHE A 188 3.72 23.57 11.76
CA PHE A 188 3.98 23.40 10.32
C PHE A 188 3.86 24.77 9.62
N THR A 189 4.76 25.05 8.67
CA THR A 189 4.70 26.30 7.94
C THR A 189 3.83 26.20 6.68
N TYR A 190 2.64 25.64 6.84
CA TYR A 190 1.63 25.65 5.78
C TYR A 190 1.28 27.09 5.45
N GLU A 191 0.71 27.30 4.27
CA GLU A 191 0.09 28.58 3.96
C GLU A 191 -1.12 28.77 4.85
N ARG A 192 -1.19 29.90 5.55
CA ARG A 192 -2.26 30.11 6.54
C ARG A 192 -3.31 31.14 6.11
N ARG A 193 -3.12 31.78 4.97
CA ARG A 193 -4.09 32.76 4.48
C ARG A 193 -5.21 32.09 3.71
N PRO A 194 -6.47 32.24 4.18
CA PRO A 194 -7.62 31.60 3.53
C PRO A 194 -7.77 31.98 2.07
N GLN A 195 -7.21 33.13 1.70
CA GLN A 195 -7.30 33.61 0.33
C GLN A 195 -6.48 32.76 -0.65
N SER A 196 -5.55 31.97 -0.13
CA SER A 196 -4.68 31.17 -1.00
C SER A 196 -5.27 29.78 -1.24
N GLN A 197 -5.13 29.27 -2.46
CA GLN A 197 -5.49 27.87 -2.76
C GLN A 197 -4.74 26.87 -1.88
N ALA A 198 -3.58 27.28 -1.36
CA ALA A 198 -2.75 26.35 -0.58
C ALA A 198 -3.11 26.39 0.90
N TYR A 199 -4.11 27.22 1.24
CA TYR A 199 -4.55 27.39 2.63
C TYR A 199 -4.80 26.08 3.37
N ILE A 200 -4.17 25.93 4.54
CA ILE A 200 -4.53 24.85 5.47
C ILE A 200 -4.63 25.44 6.87
N PRO A 201 -5.81 25.29 7.50
CA PRO A 201 -6.03 25.88 8.83
C PRO A 201 -5.34 25.10 9.93
N LYS A 202 -5.29 25.68 11.12
CA LYS A 202 -4.47 25.14 12.21
C LYS A 202 -4.93 23.78 12.71
N ASP A 203 -6.18 23.42 12.43
CA ASP A 203 -6.70 22.15 12.93
C ASP A 203 -6.67 21.04 11.89
N GLU A 204 -5.98 21.30 10.79
CA GLU A 204 -5.79 20.29 9.75
C GLU A 204 -4.32 20.03 9.46
N GLY A 205 -4.02 18.86 8.90
CA GLY A 205 -2.69 18.55 8.44
C GLY A 205 -2.24 17.24 9.05
N ASP A 206 -1.63 16.38 8.23
CA ASP A 206 -1.06 15.15 8.75
C ASP A 206 0.42 15.35 9.02
N PHE A 207 1.11 15.82 7.98
CA PHE A 207 2.57 15.93 7.99
C PHE A 207 2.94 17.17 7.21
N TYR A 208 4.16 17.63 7.40
CA TYR A 208 4.67 18.66 6.52
C TYR A 208 5.63 17.99 5.55
N TYR A 209 5.24 17.93 4.29
CA TYR A 209 6.03 17.25 3.28
C TYR A 209 7.00 18.22 2.63
N GLY A 210 8.16 17.71 2.23
CA GLY A 210 9.17 18.60 1.64
C GLY A 210 8.99 18.68 0.13
N GLY A 211 9.01 19.89 -0.39
CA GLY A 211 8.92 20.07 -1.83
C GLY A 211 10.10 19.51 -2.60
N ALA A 212 11.18 19.18 -1.90
CA ALA A 212 12.41 18.71 -2.56
C ALA A 212 12.46 17.20 -2.92
N PHE A 213 11.38 16.46 -2.65
CA PHE A 213 11.38 15.02 -2.93
C PHE A 213 9.94 14.48 -2.89
N PHE A 214 9.34 14.27 -4.06
CA PHE A 214 8.02 13.66 -4.14
C PHE A 214 8.00 12.83 -5.41
N GLY A 215 6.94 12.05 -5.58
CA GLY A 215 6.93 11.18 -6.74
C GLY A 215 5.76 10.24 -6.76
N GLY A 216 5.82 9.23 -7.64
CA GLY A 216 4.71 8.31 -7.77
C GLY A 216 4.65 7.73 -9.18
N SER A 217 3.55 7.10 -9.57
CA SER A 217 3.41 6.66 -10.95
C SER A 217 3.38 7.90 -11.87
N VAL A 218 3.72 7.75 -13.14
CA VAL A 218 3.65 8.92 -14.02
C VAL A 218 2.26 9.56 -13.96
N GLN A 219 1.21 8.75 -13.99
CA GLN A 219 -0.12 9.32 -14.02
C GLN A 219 -0.47 10.11 -12.78
N GLU A 220 -0.07 9.62 -11.61
CA GLU A 220 -0.32 10.39 -10.38
C GLU A 220 0.55 11.65 -10.26
N VAL A 221 1.80 11.56 -10.71
CA VAL A 221 2.65 12.74 -10.68
C VAL A 221 2.12 13.78 -11.67
N GLN A 222 1.61 13.33 -12.82
CA GLN A 222 1.04 14.26 -13.79
C GLN A 222 -0.14 15.02 -13.15
N ARG A 223 -0.98 14.27 -12.45
CA ARG A 223 -2.16 14.87 -11.82
C ARG A 223 -1.77 15.84 -10.70
N LEU A 224 -0.77 15.46 -9.90
CA LEU A 224 -0.33 16.32 -8.80
C LEU A 224 0.29 17.60 -9.32
N THR A 225 1.20 17.48 -10.27
CA THR A 225 1.92 18.64 -10.79
C THR A 225 0.94 19.56 -11.54
N ARG A 226 0.04 18.97 -12.33
CA ARG A 226 -0.99 19.78 -12.98
C ARG A 226 -1.83 20.55 -11.94
N ALA A 227 -2.24 19.88 -10.87
CA ALA A 227 -3.12 20.51 -9.86
C ALA A 227 -2.38 21.60 -9.10
N CYS A 228 -1.10 21.37 -8.79
CA CYS A 228 -0.33 22.39 -8.10
C CYS A 228 -0.07 23.59 -8.99
N HIS A 229 0.22 23.34 -10.28
CA HIS A 229 0.38 24.46 -11.20
C HIS A 229 -0.91 25.26 -11.33
N GLN A 230 -2.04 24.58 -11.52
CA GLN A 230 -3.31 25.30 -11.63
C GLN A 230 -3.61 26.11 -10.36
N ALA A 231 -3.35 25.54 -9.19
CA ALA A 231 -3.57 26.27 -7.94
C ALA A 231 -2.66 27.50 -7.84
N MET A 232 -1.42 27.37 -8.29
CA MET A 232 -0.52 28.52 -8.31
C MET A 232 -0.98 29.60 -9.27
N MET A 233 -1.59 29.18 -10.38
CA MET A 233 -2.08 30.15 -11.36
C MET A 233 -3.28 30.91 -10.82
N VAL A 234 -4.15 30.20 -10.10
CA VAL A 234 -5.28 30.86 -9.42
C VAL A 234 -4.77 31.88 -8.40
N ASP A 235 -3.82 31.46 -7.57
CA ASP A 235 -3.23 32.38 -6.60
C ASP A 235 -2.66 33.60 -7.30
N GLN A 236 -1.95 33.38 -8.41
CA GLN A 236 -1.36 34.50 -9.14
C GLN A 236 -2.43 35.48 -9.63
N ALA A 237 -3.51 34.95 -10.19
CA ALA A 237 -4.63 35.79 -10.63
C ALA A 237 -5.21 36.58 -9.46
N ASN A 238 -5.14 35.99 -8.26
CA ASN A 238 -5.68 36.66 -7.06
C ASN A 238 -4.65 37.53 -6.33
N GLY A 239 -3.46 37.70 -6.92
CA GLY A 239 -2.45 38.57 -6.35
C GLY A 239 -1.77 37.99 -5.12
N ILE A 240 -1.77 36.67 -5.02
CA ILE A 240 -1.23 36.04 -3.84
CA ILE A 240 -1.29 35.95 -3.84
C ILE A 240 -0.17 35.02 -4.22
N GLU A 241 0.86 34.92 -3.38
CA GLU A 241 1.92 33.91 -3.59
C GLU A 241 2.15 33.16 -2.28
N ALA A 242 2.03 31.84 -2.31
CA ALA A 242 2.09 31.04 -1.09
C ALA A 242 3.45 31.13 -0.41
N VAL A 243 3.44 31.08 0.92
CA VAL A 243 4.63 31.37 1.73
C VAL A 243 5.83 30.53 1.34
N TRP A 244 5.59 29.23 1.11
CA TRP A 244 6.65 28.35 0.65
C TRP A 244 6.41 27.81 -0.75
N HIS A 245 5.74 28.62 -1.55
CA HIS A 245 5.71 28.40 -3.00
C HIS A 245 5.22 27.00 -3.38
N ASP A 246 5.93 26.30 -4.25
CA ASP A 246 5.46 24.99 -4.70
C ASP A 246 5.26 24.01 -3.54
N GLU A 247 6.08 24.12 -2.50
CA GLU A 247 5.95 23.24 -1.34
C GLU A 247 4.62 23.45 -0.61
N SER A 248 4.16 24.70 -0.56
CA SER A 248 2.88 24.98 0.06
C SER A 248 1.75 24.29 -0.69
N HIS A 249 1.81 24.35 -2.01
CA HIS A 249 0.78 23.69 -2.82
C HIS A 249 0.88 22.15 -2.78
N LEU A 250 2.11 21.63 -2.79
CA LEU A 250 2.31 20.18 -2.60
C LEU A 250 1.65 19.73 -1.32
N ASN A 251 1.81 20.52 -0.26
CA ASN A 251 1.21 20.14 1.02
C ASN A 251 -0.31 20.13 0.99
N LYS A 252 -0.91 21.11 0.30
CA LYS A 252 -2.35 21.15 0.15
CA LYS A 252 -2.36 21.14 0.14
C LYS A 252 -2.81 19.93 -0.66
N TYR A 253 -2.08 19.61 -1.72
CA TYR A 253 -2.47 18.48 -2.55
C TYR A 253 -2.44 17.17 -1.78
N LEU A 254 -1.34 16.92 -1.06
CA LEU A 254 -1.18 15.66 -0.34
C LEU A 254 -2.02 15.58 0.94
N LEU A 255 -2.52 16.72 1.40
CA LEU A 255 -3.48 16.70 2.49
C LEU A 255 -4.79 16.06 2.01
N ARG A 256 -5.24 16.46 0.82
CA ARG A 256 -6.52 16.01 0.30
C ARG A 256 -6.45 14.75 -0.54
N HIS A 257 -5.26 14.45 -1.09
CA HIS A 257 -5.03 13.21 -1.84
C HIS A 257 -3.93 12.46 -1.10
N LYS A 258 -4.32 11.54 -0.21
CA LYS A 258 -3.32 10.95 0.70
C LYS A 258 -2.29 10.13 -0.07
N PRO A 259 -1.00 10.31 0.26
CA PRO A 259 -0.01 9.51 -0.47
C PRO A 259 -0.08 8.05 -0.05
N THR A 260 0.28 7.14 -0.96
CA THR A 260 0.24 5.71 -0.69
C THR A 260 1.51 5.18 0.01
N LYS A 261 2.57 6.00 0.02
CA LYS A 261 3.71 5.83 0.94
C LYS A 261 4.19 7.21 1.37
N VAL A 262 4.83 7.25 2.54
CA VAL A 262 5.47 8.50 2.99
C VAL A 262 6.90 8.13 3.34
N LEU A 263 7.86 8.91 2.85
CA LEU A 263 9.25 8.61 3.13
C LEU A 263 9.70 9.35 4.38
N SER A 264 10.48 8.68 5.23
CA SER A 264 11.02 9.31 6.42
C SER A 264 12.11 10.33 6.05
N PRO A 265 12.52 11.16 7.01
CA PRO A 265 13.54 12.16 6.66
C PRO A 265 14.92 11.57 6.34
N GLU A 266 15.09 10.25 6.47
CA GLU A 266 16.31 9.62 5.94
C GLU A 266 16.49 10.03 4.48
N TYR A 267 15.36 10.26 3.81
CA TYR A 267 15.32 10.53 2.37
C TYR A 267 15.41 12.02 2.03
N LEU A 268 15.46 12.86 3.04
CA LEU A 268 15.56 14.31 2.79
C LEU A 268 16.15 14.98 4.01
N TRP A 269 17.46 15.17 4.03
CA TRP A 269 18.06 15.62 5.27
C TRP A 269 19.06 16.75 5.03
N ASP A 270 19.31 17.56 6.06
CA ASP A 270 20.35 18.58 6.00
C ASP A 270 21.22 18.41 7.25
N GLN A 271 22.41 17.84 7.08
CA GLN A 271 23.19 17.42 8.25
C GLN A 271 23.84 18.60 8.96
N GLN A 272 24.23 19.62 8.20
CA GLN A 272 24.79 20.83 8.79
CA GLN A 272 24.81 20.81 8.80
C GLN A 272 23.77 21.50 9.71
N LEU A 273 22.55 21.60 9.22
CA LEU A 273 21.49 22.29 9.92
C LEU A 273 20.90 21.50 11.09
N LEU A 274 20.78 20.17 10.95
CA LEU A 274 20.00 19.35 11.88
C LEU A 274 20.78 18.20 12.54
N GLY A 275 22.06 18.08 12.23
CA GLY A 275 22.88 17.06 12.84
C GLY A 275 22.49 15.66 12.41
N TRP A 276 22.41 14.73 13.36
CA TRP A 276 22.14 13.34 13.00
C TRP A 276 21.49 12.63 14.18
N PRO A 277 20.19 12.84 14.36
CA PRO A 277 19.44 12.24 15.48
C PRO A 277 19.50 10.71 15.46
N ALA A 278 19.46 10.11 16.64
CA ALA A 278 19.41 8.65 16.76
C ALA A 278 18.31 7.99 15.94
N VAL A 279 17.20 8.69 15.76
CA VAL A 279 16.08 8.15 15.00
C VAL A 279 16.42 7.92 13.51
N LEU A 280 17.51 8.54 13.06
CA LEU A 280 17.97 8.34 11.68
C LEU A 280 19.11 7.34 11.62
N ARG A 281 18.80 6.11 11.24
CA ARG A 281 19.83 5.07 11.15
C ARG A 281 20.67 5.24 9.88
N LYS A 282 20.09 5.89 8.87
CA LYS A 282 20.81 6.17 7.62
C LYS A 282 20.47 7.60 7.16
N LEU A 283 21.44 8.25 6.52
CA LEU A 283 21.18 9.52 5.84
C LEU A 283 21.35 9.23 4.36
N ARG A 284 20.24 9.21 3.62
CA ARG A 284 20.28 8.69 2.25
C ARG A 284 20.44 9.77 1.19
N PHE A 285 19.78 10.91 1.39
CA PHE A 285 19.74 11.96 0.35
C PHE A 285 19.79 13.26 1.11
N THR A 286 20.86 14.01 0.91
CA THR A 286 21.15 15.12 1.81
C THR A 286 21.55 16.41 1.11
N ALA A 287 21.34 17.54 1.80
CA ALA A 287 21.74 18.84 1.27
C ALA A 287 23.22 18.97 1.06
N VAL A 288 23.60 19.65 -0.02
CA VAL A 288 24.96 20.12 -0.28
C VAL A 288 25.05 21.61 0.08
N PRO A 289 26.11 21.99 0.82
CA PRO A 289 26.36 23.38 1.21
C PRO A 289 26.13 24.36 0.05
N ALA B 2 -16.76 0.99 -7.93
CA ALA B 2 -15.61 0.83 -8.82
C ALA B 2 -14.31 0.88 -8.03
N ILE B 3 -13.23 0.43 -8.63
CA ILE B 3 -11.89 0.66 -8.07
C ILE B 3 -11.28 1.80 -8.89
N GLY B 4 -11.24 2.98 -8.28
CA GLY B 4 -10.78 4.19 -8.95
C GLY B 4 -9.41 4.01 -9.57
N GLU B 5 -9.21 4.62 -10.73
CA GLU B 5 -7.91 4.57 -11.40
C GLU B 5 -6.89 5.45 -10.68
N PHE B 6 -7.36 6.54 -10.06
CA PHE B 6 -6.47 7.49 -9.39
C PHE B 6 -6.85 7.80 -7.93
N MET B 7 -5.91 8.37 -7.19
CA MET B 7 -6.18 8.81 -5.82
C MET B 7 -7.37 9.78 -5.85
N VAL B 8 -8.30 9.62 -4.90
CA VAL B 8 -9.45 10.51 -4.78
C VAL B 8 -9.15 11.76 -3.94
N SER B 9 -10.01 12.78 -4.06
CA SER B 9 -9.84 14.02 -3.29
C SER B 9 -10.79 14.13 -2.11
N LEU B 10 -10.22 14.15 -0.91
CA LEU B 10 -11.02 14.21 0.32
C LEU B 10 -11.46 15.63 0.63
N PRO B 11 -12.61 15.75 1.31
CA PRO B 11 -13.06 17.03 1.86
C PRO B 11 -12.27 17.37 3.13
N ARG B 12 -12.38 18.60 3.61
CA ARG B 12 -11.78 18.95 4.90
C ARG B 12 -12.22 17.97 5.99
N MET B 13 -11.28 17.53 6.81
CA MET B 13 -11.59 16.66 7.94
C MET B 13 -10.80 17.06 9.18
N VAL B 14 -11.43 16.94 10.35
CA VAL B 14 -10.77 17.22 11.61
C VAL B 14 -10.57 15.94 12.42
N TYR B 15 -9.32 15.60 12.67
CA TYR B 15 -8.96 14.41 13.46
C TYR B 15 -7.58 14.63 14.10
N PRO B 16 -7.22 13.76 15.05
CA PRO B 16 -5.93 13.91 15.75
C PRO B 16 -4.73 13.82 14.81
N GLN B 17 -3.76 14.70 14.99
CA GLN B 17 -2.54 14.65 14.17
C GLN B 17 -1.78 13.35 14.40
N PRO B 18 -1.34 12.67 13.31
CA PRO B 18 -0.54 11.47 13.57
C PRO B 18 0.79 11.91 14.18
N LYS B 19 1.34 11.09 15.07
CA LYS B 19 2.55 11.49 15.78
C LYS B 19 3.70 10.64 15.33
N VAL B 20 4.57 11.24 14.51
CA VAL B 20 5.71 10.54 13.94
C VAL B 20 6.58 9.87 15.01
N LEU B 21 6.75 10.55 16.15
CA LEU B 21 7.67 10.07 17.16
C LEU B 21 6.98 9.36 18.32
N THR B 22 5.66 9.17 18.20
CA THR B 22 4.87 8.51 19.26
C THR B 22 3.85 7.53 18.71
N PRO B 23 4.32 6.44 18.07
CA PRO B 23 3.48 5.38 17.52
C PRO B 23 2.56 4.78 18.58
N CYS B 24 1.29 4.55 18.24
CA CYS B 24 0.33 3.95 19.17
C CYS B 24 0.65 2.48 19.45
N ARG B 25 0.87 1.69 18.39
CA ARG B 25 1.17 0.26 18.60
C ARG B 25 2.68 0.01 18.65
N LYS B 26 3.19 -0.25 19.85
CA LYS B 26 4.61 -0.55 20.04
C LYS B 26 4.82 -2.02 20.39
N ASP B 27 3.74 -2.79 20.45
CA ASP B 27 3.79 -4.17 20.90
C ASP B 27 3.74 -5.21 19.77
N VAL B 28 3.42 -4.75 18.56
CA VAL B 28 3.20 -5.65 17.44
C VAL B 28 3.82 -5.04 16.19
N LEU B 29 4.17 -5.90 15.25
CA LEU B 29 4.63 -5.47 13.93
C LEU B 29 3.42 -4.95 13.15
N VAL B 30 3.50 -3.72 12.63
CA VAL B 30 2.36 -3.15 11.88
C VAL B 30 2.65 -2.98 10.38
N VAL B 31 3.83 -3.41 9.94
CA VAL B 31 4.10 -3.44 8.50
C VAL B 31 4.98 -4.65 8.18
N THR B 32 4.70 -5.32 7.07
CA THR B 32 5.50 -6.49 6.66
C THR B 32 6.81 -6.02 6.02
N PRO B 33 7.76 -6.95 5.82
CA PRO B 33 9.03 -6.52 5.21
C PRO B 33 8.86 -6.15 3.72
N TRP B 34 7.72 -6.43 3.13
CA TRP B 34 7.46 -5.91 1.78
C TRP B 34 6.53 -4.68 1.81
N LEU B 35 6.46 -4.04 2.97
CA LEU B 35 5.79 -2.76 3.15
C LEU B 35 4.28 -2.85 2.98
N ALA B 36 3.72 -4.00 3.33
CA ALA B 36 2.26 -4.12 3.44
C ALA B 36 1.83 -3.87 4.88
N PRO B 37 0.80 -3.05 5.07
CA PRO B 37 0.30 -2.83 6.45
C PRO B 37 -0.20 -4.11 7.06
N ILE B 38 0.03 -4.29 8.36
CA ILE B 38 -0.61 -5.38 9.10
C ILE B 38 -1.67 -4.68 9.97
N VAL B 39 -2.92 -5.06 9.78
CA VAL B 39 -4.02 -4.24 10.26
C VAL B 39 -4.41 -4.60 11.67
N TRP B 40 -4.08 -3.73 12.61
CA TRP B 40 -4.45 -3.85 14.02
C TRP B 40 -5.24 -2.62 14.44
N GLU B 41 -6.06 -2.78 15.47
CA GLU B 41 -6.66 -1.60 16.09
C GLU B 41 -5.57 -0.62 16.56
N GLY B 42 -5.75 0.66 16.24
CA GLY B 42 -4.78 1.68 16.58
C GLY B 42 -3.90 2.07 15.39
N THR B 43 -3.98 1.33 14.29
CA THR B 43 -3.16 1.64 13.10
C THR B 43 -3.91 2.50 12.08
N PHE B 44 -5.23 2.57 12.19
CA PHE B 44 -5.99 3.25 11.15
C PHE B 44 -7.06 4.19 11.71
N ASN B 45 -7.30 5.26 10.94
CA ASN B 45 -8.42 6.16 11.18
C ASN B 45 -9.53 5.76 10.20
N ILE B 46 -10.61 5.19 10.72
CA ILE B 46 -11.62 4.61 9.85
C ILE B 46 -12.39 5.71 9.13
N ASP B 47 -12.40 6.92 9.67
CA ASP B 47 -13.12 8.02 9.01
C ASP B 47 -12.43 8.39 7.71
N ILE B 48 -11.11 8.45 7.73
CA ILE B 48 -10.35 8.74 6.51
C ILE B 48 -10.56 7.63 5.46
N LEU B 49 -10.45 6.38 5.89
CA LEU B 49 -10.60 5.25 4.98
C LEU B 49 -12.02 5.14 4.41
N ASN B 50 -13.04 5.34 5.25
CA ASN B 50 -14.40 5.36 4.75
C ASN B 50 -14.62 6.38 3.64
N GLU B 51 -14.09 7.59 3.83
CA GLU B 51 -14.22 8.62 2.81
C GLU B 51 -13.57 8.15 1.53
N GLN B 52 -12.36 7.61 1.64
CA GLN B 52 -11.63 7.21 0.44
C GLN B 52 -12.45 6.17 -0.34
N PHE B 53 -12.96 5.18 0.36
CA PHE B 53 -13.68 4.10 -0.32
C PHE B 53 -15.08 4.47 -0.77
N ARG B 54 -15.78 5.30 0.02
CA ARG B 54 -17.10 5.75 -0.41
C ARG B 54 -17.00 6.63 -1.67
N LEU B 55 -15.93 7.41 -1.78
CA LEU B 55 -15.80 8.28 -2.95
C LEU B 55 -15.59 7.48 -4.22
N GLN B 56 -15.21 6.21 -4.07
CA GLN B 56 -15.11 5.31 -5.21
C GLN B 56 -16.34 4.43 -5.43
N ASN B 57 -17.41 4.67 -4.64
CA ASN B 57 -18.61 3.82 -4.66
C ASN B 57 -18.24 2.35 -4.63
N THR B 58 -17.52 1.97 -3.61
CA THR B 58 -16.99 0.63 -3.50
C THR B 58 -18.09 -0.37 -3.17
N THR B 59 -18.10 -1.48 -3.90
CA THR B 59 -19.00 -2.60 -3.61
C THR B 59 -18.14 -3.78 -3.15
N ILE B 60 -18.49 -4.33 -1.98
CA ILE B 60 -17.75 -5.48 -1.45
C ILE B 60 -18.60 -6.74 -1.53
N GLY B 61 -18.06 -7.80 -2.12
CA GLY B 61 -18.77 -9.07 -2.13
C GLY B 61 -18.23 -9.91 -0.97
N LEU B 62 -19.08 -10.71 -0.34
CA LEU B 62 -18.64 -11.58 0.75
C LEU B 62 -19.13 -12.98 0.43
N THR B 63 -18.21 -13.92 0.24
CA THR B 63 -18.60 -15.29 -0.05
C THR B 63 -18.59 -16.12 1.21
N VAL B 64 -19.57 -17.01 1.32
CA VAL B 64 -19.62 -17.91 2.45
C VAL B 64 -20.25 -19.23 2.01
N PHE B 65 -19.69 -20.33 2.50
CA PHE B 65 -20.20 -21.66 2.14
C PHE B 65 -20.99 -22.26 3.28
N ALA B 66 -22.21 -22.67 3.00
CA ALA B 66 -23.08 -23.26 4.00
C ALA B 66 -23.61 -24.59 3.47
N ILE B 67 -22.76 -25.60 3.58
CA ILE B 67 -23.02 -26.92 3.00
C ILE B 67 -23.43 -27.90 4.08
N LYS B 68 -24.44 -28.71 3.77
CA LYS B 68 -25.01 -29.68 4.72
C LYS B 68 -25.41 -29.00 6.04
N LYS B 69 -24.97 -29.51 7.18
CA LYS B 69 -25.47 -28.98 8.48
C LYS B 69 -24.99 -27.56 8.78
N TYR B 70 -24.02 -27.06 8.02
CA TYR B 70 -23.51 -25.72 8.30
C TYR B 70 -24.49 -24.60 7.92
N VAL B 71 -25.62 -24.94 7.31
CA VAL B 71 -26.64 -23.93 7.06
C VAL B 71 -27.12 -23.35 8.38
N ALA B 72 -27.00 -24.13 9.45
CA ALA B 72 -27.37 -23.69 10.80
C ALA B 72 -26.66 -22.41 11.23
N PHE B 73 -25.47 -22.18 10.68
CA PHE B 73 -24.66 -21.04 11.08
C PHE B 73 -25.05 -19.74 10.38
N LEU B 74 -25.86 -19.83 9.34
CA LEU B 74 -26.11 -18.66 8.48
C LEU B 74 -26.80 -17.52 9.19
N LYS B 75 -27.77 -17.83 10.04
CA LYS B 75 -28.58 -16.78 10.65
C LYS B 75 -27.72 -15.80 11.43
N LEU B 76 -26.91 -16.31 12.34
CA LEU B 76 -26.06 -15.46 13.18
C LEU B 76 -24.97 -14.80 12.35
N PHE B 77 -24.44 -15.55 11.40
CA PHE B 77 -23.39 -14.99 10.56
C PHE B 77 -23.93 -13.74 9.84
N LEU B 78 -25.11 -13.86 9.22
CA LEU B 78 -25.61 -12.75 8.41
C LEU B 78 -26.11 -11.60 9.26
N GLU B 79 -26.81 -11.91 10.36
CA GLU B 79 -27.33 -10.86 11.25
C GLU B 79 -26.19 -10.04 11.87
N THR B 80 -25.12 -10.72 12.26
CA THR B 80 -23.95 -9.99 12.79
C THR B 80 -23.16 -9.25 11.72
N ALA B 81 -23.09 -9.80 10.51
CA ALA B 81 -22.50 -9.06 9.40
C ALA B 81 -23.24 -7.76 9.14
N GLU B 82 -24.57 -7.79 9.31
CA GLU B 82 -25.34 -6.58 9.09
C GLU B 82 -24.96 -5.51 10.11
N LYS B 83 -24.56 -5.93 11.30
CA LYS B 83 -24.22 -4.96 12.34
C LYS B 83 -22.80 -4.41 12.18
N HIS B 84 -21.92 -5.23 11.60
CA HIS B 84 -20.49 -4.97 11.72
C HIS B 84 -19.65 -4.96 10.42
N PHE B 85 -20.17 -5.52 9.33
CA PHE B 85 -19.31 -5.71 8.14
C PHE B 85 -19.61 -4.61 7.11
N MET B 86 -18.62 -3.77 6.85
CA MET B 86 -18.71 -2.75 5.78
C MET B 86 -19.94 -1.85 5.85
N VAL B 87 -20.41 -1.56 7.08
CA VAL B 87 -21.61 -0.71 7.22
C VAL B 87 -21.38 0.65 6.56
N GLY B 88 -22.29 1.04 5.68
CA GLY B 88 -22.19 2.32 4.98
C GLY B 88 -21.76 2.17 3.53
N HIS B 89 -21.29 0.96 3.20
CA HIS B 89 -20.80 0.66 1.86
C HIS B 89 -21.73 -0.35 1.20
N ARG B 90 -21.63 -0.49 -0.12
CA ARG B 90 -22.45 -1.48 -0.82
C ARG B 90 -21.90 -2.88 -0.57
N VAL B 91 -22.79 -3.79 -0.20
CA VAL B 91 -22.37 -5.17 0.07
C VAL B 91 -23.25 -6.14 -0.70
N HIS B 92 -22.60 -7.14 -1.28
CA HIS B 92 -23.32 -8.22 -1.93
C HIS B 92 -22.87 -9.52 -1.30
N TYR B 93 -23.78 -10.15 -0.54
CA TYR B 93 -23.49 -11.46 0.04
C TYR B 93 -23.71 -12.57 -0.98
N TYR B 94 -22.77 -13.51 -1.03
CA TYR B 94 -22.93 -14.68 -1.89
C TYR B 94 -22.92 -15.94 -1.03
N VAL B 95 -24.10 -16.55 -0.85
CA VAL B 95 -24.19 -17.73 -0.04
C VAL B 95 -24.21 -18.97 -0.90
N PHE B 96 -23.14 -19.77 -0.85
CA PHE B 96 -23.07 -21.03 -1.57
C PHE B 96 -23.64 -22.14 -0.69
N THR B 97 -24.64 -22.87 -1.18
CA THR B 97 -25.29 -23.88 -0.34
C THR B 97 -25.85 -25.00 -1.18
N ASP B 98 -25.96 -26.19 -0.58
CA ASP B 98 -26.73 -27.27 -1.22
C ASP B 98 -28.21 -27.25 -0.85
N GLN B 99 -28.62 -26.29 0.00
CA GLN B 99 -29.99 -26.21 0.49
C GLN B 99 -30.54 -24.79 0.42
N PRO B 100 -30.85 -24.31 -0.80
CA PRO B 100 -31.36 -22.94 -0.94
C PRO B 100 -32.56 -22.64 -0.03
N ALA B 101 -33.43 -23.63 0.14
CA ALA B 101 -34.62 -23.40 0.92
C ALA B 101 -34.32 -23.19 2.42
N ALA B 102 -33.12 -23.57 2.84
CA ALA B 102 -32.70 -23.50 4.24
C ALA B 102 -31.99 -22.19 4.59
N VAL B 103 -31.82 -21.32 3.61
CA VAL B 103 -31.15 -20.05 3.88
C VAL B 103 -32.14 -19.22 4.68
N PRO B 104 -31.72 -18.71 5.86
CA PRO B 104 -32.67 -17.92 6.66
C PRO B 104 -33.02 -16.57 6.07
N ARG B 105 -34.25 -16.11 6.34
CA ARG B 105 -34.69 -14.79 5.93
C ARG B 105 -34.01 -13.80 6.86
N VAL B 106 -33.15 -12.95 6.31
CA VAL B 106 -32.46 -11.99 7.12
C VAL B 106 -32.67 -10.59 6.55
N THR B 107 -33.03 -9.66 7.40
CA THR B 107 -33.36 -8.30 6.96
C THR B 107 -32.08 -7.53 6.70
N LEU B 108 -31.98 -6.92 5.52
CA LEU B 108 -30.74 -6.26 5.14
C LEU B 108 -30.88 -4.74 5.12
N GLY B 109 -29.80 -4.05 5.50
CA GLY B 109 -29.76 -2.59 5.44
C GLY B 109 -29.68 -2.10 4.01
N THR B 110 -29.88 -0.81 3.80
CA THR B 110 -29.92 -0.29 2.44
C THR B 110 -28.55 -0.45 1.76
N GLY B 111 -28.58 -0.74 0.45
CA GLY B 111 -27.37 -0.91 -0.32
C GLY B 111 -26.72 -2.27 -0.17
N ARG B 112 -27.47 -3.18 0.44
CA ARG B 112 -26.95 -4.52 0.72
C ARG B 112 -27.87 -5.58 0.13
N GLN B 113 -27.28 -6.58 -0.51
CA GLN B 113 -28.10 -7.59 -1.17
C GLN B 113 -27.52 -8.97 -0.95
N LEU B 114 -28.36 -9.99 -1.07
CA LEU B 114 -27.89 -11.36 -0.91
C LEU B 114 -28.31 -12.23 -2.10
N SER B 115 -27.39 -13.04 -2.58
CA SER B 115 -27.67 -14.01 -3.64
C SER B 115 -27.37 -15.40 -3.10
N VAL B 116 -28.24 -16.34 -3.41
CA VAL B 116 -28.01 -17.74 -3.04
C VAL B 116 -27.52 -18.53 -4.24
N LEU B 117 -26.34 -19.14 -4.10
CA LEU B 117 -25.76 -19.95 -5.16
C LEU B 117 -25.85 -21.44 -4.82
N GLU B 118 -26.64 -22.19 -5.58
CA GLU B 118 -26.76 -23.62 -5.32
C GLU B 118 -25.56 -24.41 -5.83
N VAL B 119 -24.94 -25.20 -4.95
CA VAL B 119 -23.77 -25.97 -5.33
C VAL B 119 -23.82 -27.39 -4.79
N ARG B 120 -22.92 -28.23 -5.31
CA ARG B 120 -22.76 -29.61 -4.87
C ARG B 120 -22.23 -29.72 -3.44
N ALA B 121 -22.73 -30.71 -2.71
CA ALA B 121 -22.17 -31.07 -1.40
C ALA B 121 -21.28 -32.30 -1.50
N TYR B 122 -19.97 -32.11 -1.34
CA TYR B 122 -19.06 -33.26 -1.31
C TYR B 122 -19.22 -34.07 -0.03
N LYS B 123 -18.86 -35.35 -0.08
CA LYS B 123 -19.02 -36.23 1.08
C LYS B 123 -18.03 -35.91 2.20
N ARG B 124 -16.76 -35.78 1.84
CA ARG B 124 -15.71 -35.55 2.82
C ARG B 124 -15.63 -34.08 3.18
N TRP B 125 -15.53 -33.80 4.47
CA TRP B 125 -15.37 -32.41 4.91
C TRP B 125 -14.12 -31.77 4.28
N GLN B 126 -13.03 -32.54 4.14
CA GLN B 126 -11.86 -32.03 3.44
C GLN B 126 -12.21 -31.51 2.04
N ASP B 127 -13.05 -32.24 1.33
CA ASP B 127 -13.44 -31.83 -0.03
C ASP B 127 -14.41 -30.66 -0.03
N VAL B 128 -15.37 -30.65 0.89
CA VAL B 128 -16.21 -29.46 1.04
C VAL B 128 -15.33 -28.22 1.25
N SER B 129 -14.33 -28.32 2.12
CA SER B 129 -13.47 -27.16 2.41
C SER B 129 -12.60 -26.78 1.20
N MET B 130 -12.00 -27.79 0.58
CA MET B 130 -11.07 -27.55 -0.50
C MET B 130 -11.75 -27.07 -1.77
N ARG B 131 -12.95 -27.58 -2.03
CA ARG B 131 -13.63 -27.27 -3.29
C ARG B 131 -14.12 -25.83 -3.33
N ARG B 132 -14.07 -25.15 -2.20
CA ARG B 132 -14.41 -23.72 -2.20
C ARG B 132 -13.54 -22.95 -3.19
N MET B 133 -12.28 -23.35 -3.32
CA MET B 133 -11.39 -22.61 -4.22
C MET B 133 -11.89 -22.71 -5.65
N GLU B 134 -12.21 -23.92 -6.09
CA GLU B 134 -12.79 -24.11 -7.41
C GLU B 134 -14.07 -23.32 -7.58
N MET B 135 -14.92 -23.36 -6.57
CA MET B 135 -16.23 -22.73 -6.70
C MET B 135 -16.14 -21.18 -6.72
N ILE B 136 -15.29 -20.62 -5.87
CA ILE B 136 -15.06 -19.18 -5.88
C ILE B 136 -14.47 -18.78 -7.24
N SER B 137 -13.48 -19.52 -7.70
CA SER B 137 -12.84 -19.20 -8.97
C SER B 137 -13.85 -19.19 -10.12
N ASP B 138 -14.67 -20.23 -10.18
CA ASP B 138 -15.69 -20.34 -11.22
CA ASP B 138 -15.71 -20.36 -11.20
C ASP B 138 -16.65 -19.16 -11.15
N PHE B 139 -17.08 -18.80 -9.95
CA PHE B 139 -18.03 -17.70 -9.82
C PHE B 139 -17.42 -16.31 -10.00
N CYS B 140 -16.10 -16.19 -9.90
CA CYS B 140 -15.45 -14.92 -10.22
C CYS B 140 -15.73 -14.60 -11.68
N GLU B 141 -15.72 -15.62 -12.51
CA GLU B 141 -16.01 -15.43 -13.92
C GLU B 141 -17.51 -15.20 -14.12
N ARG B 142 -18.32 -16.11 -13.62
CA ARG B 142 -19.77 -16.03 -13.85
C ARG B 142 -20.44 -14.75 -13.32
N ARG B 143 -20.01 -14.27 -12.14
CA ARG B 143 -20.75 -13.22 -11.44
C ARG B 143 -19.89 -12.06 -10.95
N PHE B 144 -18.81 -12.38 -10.24
CA PHE B 144 -18.18 -11.39 -9.36
C PHE B 144 -17.50 -10.25 -10.13
N LEU B 145 -16.84 -10.57 -11.24
CA LEU B 145 -16.12 -9.57 -12.03
C LEU B 145 -17.01 -8.42 -12.50
N SER B 146 -18.26 -8.73 -12.82
CA SER B 146 -19.19 -7.70 -13.30
C SER B 146 -20.04 -7.07 -12.18
N GLU B 147 -19.95 -7.58 -10.96
CA GLU B 147 -20.90 -7.24 -9.88
C GLU B 147 -20.29 -6.54 -8.65
N VAL B 148 -19.01 -6.81 -8.35
CA VAL B 148 -18.38 -6.25 -7.16
C VAL B 148 -16.95 -5.77 -7.43
N ASP B 149 -16.41 -4.97 -6.52
CA ASP B 149 -15.02 -4.47 -6.66
C ASP B 149 -14.00 -5.34 -5.94
N TYR B 150 -14.37 -5.78 -4.74
CA TYR B 150 -13.52 -6.61 -3.90
C TYR B 150 -14.32 -7.79 -3.48
N LEU B 151 -13.61 -8.88 -3.18
CA LEU B 151 -14.22 -10.10 -2.65
C LEU B 151 -13.57 -10.46 -1.33
N VAL B 152 -14.38 -10.84 -0.36
CA VAL B 152 -13.93 -11.27 0.93
C VAL B 152 -14.49 -12.68 1.13
N CYS B 153 -13.60 -13.63 1.42
CA CYS B 153 -13.95 -15.05 1.42
C CYS B 153 -13.75 -15.61 2.80
N VAL B 154 -14.85 -15.99 3.46
CA VAL B 154 -14.75 -16.43 4.85
C VAL B 154 -15.49 -17.73 5.17
N ASP B 155 -15.15 -18.29 6.32
CA ASP B 155 -15.86 -19.44 6.94
C ASP B 155 -17.23 -18.99 7.48
N VAL B 156 -18.18 -19.90 7.57
CA VAL B 156 -19.53 -19.55 8.01
C VAL B 156 -19.78 -19.73 9.51
N ASP B 157 -18.99 -20.61 10.14
CA ASP B 157 -19.22 -20.94 11.54
C ASP B 157 -18.63 -19.86 12.44
N MET B 158 -19.03 -18.63 12.20
CA MET B 158 -18.38 -17.48 12.77
C MET B 158 -19.42 -16.40 13.02
N GLU B 159 -19.06 -15.42 13.83
CA GLU B 159 -19.91 -14.24 13.98
C GLU B 159 -19.04 -13.02 14.05
N PHE B 160 -19.58 -11.90 13.58
CA PHE B 160 -18.93 -10.61 13.74
C PHE B 160 -19.29 -10.03 15.11
N ARG B 161 -18.26 -9.64 15.87
CA ARG B 161 -18.49 -9.02 17.16
C ARG B 161 -18.08 -7.56 17.19
N ASP B 162 -17.36 -7.13 16.18
CA ASP B 162 -16.90 -5.76 16.14
C ASP B 162 -16.65 -5.41 14.68
N HIS B 163 -16.29 -4.15 14.50
CA HIS B 163 -16.07 -3.56 13.19
C HIS B 163 -15.15 -4.37 12.28
N VAL B 164 -15.66 -4.72 11.09
CA VAL B 164 -14.79 -5.20 10.01
C VAL B 164 -15.16 -4.35 8.81
N GLY B 165 -14.23 -3.47 8.40
CA GLY B 165 -14.55 -2.46 7.41
C GLY B 165 -13.55 -2.30 6.30
N VAL B 166 -13.59 -1.15 5.64
CA VAL B 166 -12.78 -0.96 4.42
C VAL B 166 -11.28 -0.91 4.69
N GLU B 167 -10.87 -0.82 5.95
CA GLU B 167 -9.47 -0.95 6.27
C GLU B 167 -8.85 -2.25 5.75
N ILE B 168 -9.66 -3.28 5.51
CA ILE B 168 -9.08 -4.55 5.02
C ILE B 168 -8.86 -4.55 3.51
N LEU B 169 -9.48 -3.62 2.79
CA LEU B 169 -9.56 -3.74 1.33
C LEU B 169 -8.28 -3.31 0.65
N THR B 170 -7.88 -4.06 -0.38
CA THR B 170 -6.55 -3.93 -0.98
C THR B 170 -6.52 -4.99 -2.10
N PRO B 171 -5.53 -4.94 -3.01
CA PRO B 171 -5.58 -5.95 -4.07
C PRO B 171 -5.53 -7.40 -3.58
N LEU B 172 -4.75 -7.70 -2.55
CA LEU B 172 -4.69 -9.09 -2.09
C LEU B 172 -4.39 -9.12 -0.61
N PHE B 173 -5.23 -9.80 0.19
CA PHE B 173 -4.93 -9.90 1.62
C PHE B 173 -5.12 -11.31 2.19
N GLY B 174 -4.33 -11.60 3.21
CA GLY B 174 -4.46 -12.81 4.00
C GLY B 174 -4.57 -12.35 5.43
N THR B 175 -4.89 -13.30 6.33
CA THR B 175 -5.15 -13.01 7.73
C THR B 175 -4.26 -13.92 8.54
N LEU B 176 -3.60 -13.37 9.55
CA LEU B 176 -2.82 -14.19 10.48
C LEU B 176 -3.72 -15.17 11.25
N HIS B 177 -3.41 -16.45 11.08
CA HIS B 177 -4.07 -17.52 11.81
C HIS B 177 -3.89 -17.31 13.31
N PRO B 178 -4.98 -17.41 14.07
CA PRO B 178 -4.91 -17.04 15.49
C PRO B 178 -4.04 -18.02 16.31
N GLY B 179 -3.83 -19.22 15.80
CA GLY B 179 -3.05 -20.20 16.53
C GLY B 179 -1.54 -20.07 16.34
N PHE B 180 -1.12 -19.21 15.41
CA PHE B 180 0.29 -19.19 15.00
C PHE B 180 0.92 -17.81 14.87
N TYR B 181 0.21 -16.75 15.26
CA TYR B 181 0.73 -15.41 15.02
C TYR B 181 2.02 -15.16 15.81
N GLY B 182 2.16 -15.85 16.95
CA GLY B 182 3.36 -15.72 17.77
C GLY B 182 4.40 -16.81 17.52
N SER B 183 4.16 -17.66 16.54
CA SER B 183 4.99 -18.85 16.36
C SER B 183 6.16 -18.66 15.41
N SER B 184 7.19 -19.48 15.58
CA SER B 184 8.32 -19.46 14.64
C SER B 184 7.93 -20.23 13.38
N ARG B 185 8.54 -19.89 12.25
CA ARG B 185 8.18 -20.51 10.97
C ARG B 185 8.34 -22.03 10.97
N GLU B 186 9.28 -22.55 11.75
CA GLU B 186 9.43 -24.01 11.84
C GLU B 186 8.21 -24.68 12.49
N ALA B 187 7.50 -23.95 13.34
CA ALA B 187 6.29 -24.47 13.96
C ALA B 187 5.03 -24.36 13.09
N PHE B 188 5.05 -23.47 12.09
CA PHE B 188 3.92 -23.36 11.19
C PHE B 188 3.59 -24.76 10.62
N THR B 189 2.30 -25.07 10.52
CA THR B 189 1.88 -26.36 9.99
C THR B 189 1.70 -26.31 8.46
N TYR B 190 2.66 -25.71 7.77
CA TYR B 190 2.71 -25.78 6.32
C TYR B 190 2.78 -27.24 5.87
N GLU B 191 2.42 -27.50 4.61
CA GLU B 191 2.68 -28.82 4.03
C GLU B 191 4.20 -28.98 3.92
N ARG B 192 4.74 -30.07 4.44
CA ARG B 192 6.18 -30.29 4.44
C ARG B 192 6.69 -31.38 3.49
N ARG B 193 5.80 -32.08 2.81
CA ARG B 193 6.22 -33.08 1.82
C ARG B 193 6.51 -32.44 0.47
N PRO B 194 7.75 -32.62 -0.03
CA PRO B 194 8.07 -31.99 -1.32
C PRO B 194 7.24 -32.52 -2.49
N GLN B 195 6.59 -33.66 -2.29
CA GLN B 195 5.74 -34.25 -3.33
C GLN B 195 4.45 -33.46 -3.55
N SER B 196 4.13 -32.56 -2.62
CA SER B 196 2.90 -31.76 -2.70
C SER B 196 3.21 -30.40 -3.31
N GLN B 197 2.26 -29.87 -4.09
CA GLN B 197 2.42 -28.53 -4.66
C GLN B 197 2.42 -27.45 -3.56
N ALA B 198 1.85 -27.77 -2.40
CA ALA B 198 1.77 -26.83 -1.29
C ALA B 198 3.04 -26.81 -0.42
N TYR B 199 4.04 -27.61 -0.79
CA TYR B 199 5.29 -27.70 -0.04
C TYR B 199 5.97 -26.37 0.25
N ILE B 200 6.31 -26.18 1.52
CA ILE B 200 7.16 -25.07 1.93
C ILE B 200 8.17 -25.62 2.92
N PRO B 201 9.47 -25.47 2.61
CA PRO B 201 10.53 -26.00 3.46
C PRO B 201 10.70 -25.19 4.73
N LYS B 202 11.41 -25.75 5.70
CA LYS B 202 11.52 -25.15 7.03
C LYS B 202 12.17 -23.76 7.07
N ASP B 203 12.97 -23.39 6.07
CA ASP B 203 13.63 -22.09 6.08
C ASP B 203 12.90 -21.01 5.26
N GLU B 204 11.66 -21.30 4.87
CA GLU B 204 10.80 -20.33 4.20
C GLU B 204 9.53 -20.09 4.97
N GLY B 205 8.94 -18.92 4.74
CA GLY B 205 7.64 -18.62 5.34
C GLY B 205 7.67 -17.28 6.03
N ASP B 206 6.65 -16.46 5.77
CA ASP B 206 6.55 -15.18 6.46
C ASP B 206 5.62 -15.34 7.66
N PHE B 207 4.42 -15.82 7.35
CA PHE B 207 3.32 -15.94 8.30
C PHE B 207 2.56 -17.22 7.99
N TYR B 208 1.77 -17.67 8.95
CA TYR B 208 0.82 -18.73 8.68
C TYR B 208 -0.55 -18.07 8.55
N TYR B 209 -1.06 -18.03 7.32
CA TYR B 209 -2.34 -17.38 7.04
C TYR B 209 -3.50 -18.37 7.27
N GLY B 210 -4.63 -17.87 7.75
CA GLY B 210 -5.75 -18.74 8.02
C GLY B 210 -6.65 -18.88 6.80
N GLY B 211 -7.05 -20.11 6.51
CA GLY B 211 -7.91 -20.39 5.38
C GLY B 211 -9.30 -19.75 5.48
N ALA B 212 -9.66 -19.34 6.69
CA ALA B 212 -11.03 -18.89 6.99
C ALA B 212 -11.30 -17.42 6.67
N PHE B 213 -10.31 -16.69 6.15
CA PHE B 213 -10.51 -15.25 5.86
C PHE B 213 -9.41 -14.73 4.93
N PHE B 214 -9.74 -14.58 3.64
CA PHE B 214 -8.80 -13.97 2.69
C PHE B 214 -9.61 -13.18 1.68
N GLY B 215 -8.97 -12.44 0.79
CA GLY B 215 -9.74 -11.64 -0.14
C GLY B 215 -8.84 -10.72 -0.93
N GLY B 216 -9.44 -9.72 -1.59
CA GLY B 216 -8.68 -8.82 -2.45
C GLY B 216 -9.61 -8.32 -3.55
N SER B 217 -9.01 -7.74 -4.59
CA SER B 217 -9.81 -7.37 -5.74
C SER B 217 -10.34 -8.64 -6.40
N VAL B 218 -11.40 -8.50 -7.17
CA VAL B 218 -11.96 -9.69 -7.81
C VAL B 218 -10.93 -10.41 -8.64
N GLN B 219 -10.15 -9.65 -9.42
CA GLN B 219 -9.14 -10.25 -10.27
C GLN B 219 -8.05 -10.98 -9.51
N GLU B 220 -7.60 -10.42 -8.38
CA GLU B 220 -6.58 -11.13 -7.58
C GLU B 220 -7.15 -12.38 -6.88
N VAL B 221 -8.39 -12.30 -6.39
CA VAL B 221 -9.01 -13.46 -5.79
C VAL B 221 -9.26 -14.56 -6.82
N GLN B 222 -9.65 -14.17 -8.03
CA GLN B 222 -9.81 -15.16 -9.07
C GLN B 222 -8.50 -15.87 -9.34
N ARG B 223 -7.40 -15.12 -9.38
CA ARG B 223 -6.10 -15.72 -9.68
C ARG B 223 -5.65 -16.67 -8.57
N LEU B 224 -5.83 -16.22 -7.33
CA LEU B 224 -5.48 -17.03 -6.16
C LEU B 224 -6.29 -18.31 -6.10
N THR B 225 -7.61 -18.19 -6.25
CA THR B 225 -8.46 -19.36 -6.08
C THR B 225 -8.26 -20.34 -7.25
N ARG B 226 -8.10 -19.80 -8.46
CA ARG B 226 -7.76 -20.66 -9.60
C ARG B 226 -6.43 -21.39 -9.34
N ALA B 227 -5.43 -20.67 -8.85
CA ALA B 227 -4.12 -21.27 -8.63
C ALA B 227 -4.18 -22.36 -7.56
N CYS B 228 -4.90 -22.09 -6.49
CA CYS B 228 -5.03 -23.08 -5.42
C CYS B 228 -5.77 -24.32 -5.90
N HIS B 229 -6.84 -24.14 -6.68
CA HIS B 229 -7.59 -25.27 -7.19
C HIS B 229 -6.71 -26.12 -8.10
N GLN B 230 -6.03 -25.46 -9.02
CA GLN B 230 -5.11 -26.17 -9.92
C GLN B 230 -4.06 -26.96 -9.18
N ALA B 231 -3.47 -26.37 -8.14
CA ALA B 231 -2.47 -27.08 -7.34
C ALA B 231 -3.06 -28.30 -6.64
N MET B 232 -4.30 -28.16 -6.15
CA MET B 232 -4.97 -29.26 -5.49
C MET B 232 -5.24 -30.38 -6.47
N MET B 233 -5.52 -30.02 -7.70
CA MET B 233 -5.76 -31.04 -8.72
C MET B 233 -4.48 -31.79 -9.10
N VAL B 234 -3.36 -31.07 -9.12
CA VAL B 234 -2.08 -31.73 -9.35
C VAL B 234 -1.79 -32.73 -8.22
N ASP B 235 -1.94 -32.28 -6.98
CA ASP B 235 -1.77 -33.17 -5.83
C ASP B 235 -2.67 -34.39 -5.92
N GLN B 236 -3.95 -34.17 -6.25
CA GLN B 236 -4.85 -35.32 -6.39
C GLN B 236 -4.37 -36.32 -7.43
N ALA B 237 -3.92 -35.83 -8.58
CA ALA B 237 -3.43 -36.73 -9.62
C ALA B 237 -2.19 -37.50 -9.17
N ASN B 238 -1.43 -36.89 -8.26
CA ASN B 238 -0.21 -37.49 -7.72
C ASN B 238 -0.45 -38.27 -6.42
N GLY B 239 -1.71 -38.44 -6.05
CA GLY B 239 -2.07 -39.28 -4.92
C GLY B 239 -1.74 -38.68 -3.57
N ILE B 240 -1.77 -37.36 -3.48
CA ILE B 240 -1.43 -36.70 -2.23
C ILE B 240 -2.43 -35.60 -1.89
N GLU B 241 -2.70 -35.44 -0.60
CA GLU B 241 -3.63 -34.41 -0.13
C GLU B 241 -2.94 -33.60 0.96
N ALA B 242 -2.87 -32.27 0.77
CA ALA B 242 -2.12 -31.44 1.70
C ALA B 242 -2.66 -31.52 3.12
N VAL B 243 -1.74 -31.42 4.08
CA VAL B 243 -2.06 -31.62 5.49
C VAL B 243 -3.19 -30.74 5.98
N TRP B 244 -3.20 -29.46 5.56
CA TRP B 244 -4.30 -28.57 5.93
C TRP B 244 -5.05 -28.08 4.70
N HIS B 245 -5.09 -28.93 3.69
CA HIS B 245 -6.06 -28.79 2.60
C HIS B 245 -5.96 -27.43 1.93
N ASP B 246 -7.09 -26.75 1.75
CA ASP B 246 -7.08 -25.47 1.04
C ASP B 246 -6.18 -24.44 1.74
N GLU B 247 -6.10 -24.51 3.07
CA GLU B 247 -5.27 -23.58 3.83
C GLU B 247 -3.79 -23.75 3.50
N SER B 248 -3.38 -25.01 3.28
CA SER B 248 -2.00 -25.28 2.89
C SER B 248 -1.65 -24.62 1.55
N HIS B 249 -2.55 -24.76 0.58
CA HIS B 249 -2.33 -24.15 -0.72
C HIS B 249 -2.40 -22.63 -0.69
N LEU B 250 -3.33 -22.09 0.11
CA LEU B 250 -3.39 -20.65 0.33
C LEU B 250 -2.03 -20.13 0.81
N ASN B 251 -1.43 -20.86 1.74
CA ASN B 251 -0.16 -20.43 2.31
C ASN B 251 0.98 -20.47 1.30
N LYS B 252 1.00 -21.50 0.47
CA LYS B 252 2.01 -21.57 -0.60
CA LYS B 252 1.99 -21.57 -0.61
C LYS B 252 1.77 -20.41 -1.56
N TYR B 253 0.51 -20.12 -1.87
CA TYR B 253 0.23 -19.02 -2.78
C TYR B 253 0.70 -17.68 -2.24
N LEU B 254 0.35 -17.36 -0.99
CA LEU B 254 0.68 -16.05 -0.40
C LEU B 254 2.16 -15.94 -0.03
N LEU B 255 2.85 -17.07 0.04
CA LEU B 255 4.30 -17.03 0.20
C LEU B 255 4.95 -16.45 -1.04
N ARG B 256 4.51 -16.91 -2.22
CA ARG B 256 5.14 -16.51 -3.48
C ARG B 256 4.52 -15.25 -4.08
N HIS B 257 3.29 -14.94 -3.68
CA HIS B 257 2.58 -13.73 -4.12
C HIS B 257 2.24 -12.92 -2.89
N LYS B 258 3.09 -11.96 -2.51
CA LYS B 258 2.92 -11.29 -1.23
C LYS B 258 1.62 -10.47 -1.16
N PRO B 259 0.87 -10.66 -0.08
CA PRO B 259 -0.36 -9.86 0.04
C PRO B 259 -0.03 -8.38 0.27
N THR B 260 -0.92 -7.53 -0.18
CA THR B 260 -0.71 -6.09 -0.09
C THR B 260 -1.25 -5.50 1.22
N LYS B 261 -2.01 -6.30 1.97
CA LYS B 261 -2.26 -6.06 3.42
C LYS B 261 -2.32 -7.41 4.11
N VAL B 262 -2.01 -7.44 5.40
CA VAL B 262 -2.18 -8.66 6.20
C VAL B 262 -3.09 -8.28 7.37
N LEU B 263 -4.12 -9.06 7.64
CA LEU B 263 -5.00 -8.74 8.75
C LEU B 263 -4.51 -9.42 10.03
N SER B 264 -4.55 -8.69 11.16
CA SER B 264 -4.18 -9.29 12.45
C SER B 264 -5.23 -10.31 12.88
N PRO B 265 -4.92 -11.13 13.89
CA PRO B 265 -5.90 -12.10 14.37
C PRO B 265 -7.16 -11.48 15.00
N GLU B 266 -7.25 -10.15 15.12
CA GLU B 266 -8.52 -9.53 15.51
C GLU B 266 -9.63 -10.00 14.57
N TYR B 267 -9.23 -10.28 13.33
CA TYR B 267 -10.13 -10.53 12.20
C TYR B 267 -10.42 -12.01 12.03
N LEU B 268 -9.77 -12.82 12.86
CA LEU B 268 -9.99 -14.27 12.79
C LEU B 268 -9.58 -14.91 14.12
N TRP B 269 -10.56 -15.10 15.00
CA TRP B 269 -10.25 -15.46 16.36
C TRP B 269 -11.13 -16.62 16.86
N ASP B 270 -10.67 -17.30 17.90
CA ASP B 270 -11.47 -18.32 18.57
C ASP B 270 -11.26 -18.10 20.06
N GLN B 271 -12.24 -17.45 20.68
CA GLN B 271 -12.14 -17.11 22.11
C GLN B 271 -12.20 -18.32 23.03
N GLN B 272 -12.95 -19.35 22.63
CA GLN B 272 -13.01 -20.57 23.43
C GLN B 272 -11.64 -21.23 23.54
N LEU B 273 -10.91 -21.27 22.42
CA LEU B 273 -9.60 -21.92 22.39
C LEU B 273 -8.45 -21.03 22.86
N LEU B 274 -8.59 -19.71 22.73
CA LEU B 274 -7.44 -18.81 22.86
C LEU B 274 -7.63 -17.65 23.82
N GLY B 275 -8.84 -17.50 24.37
CA GLY B 275 -9.12 -16.43 25.30
C GLY B 275 -9.13 -15.05 24.65
N TRP B 276 -8.69 -14.06 25.41
CA TRP B 276 -8.65 -12.67 24.94
C TRP B 276 -7.36 -12.03 25.45
N PRO B 277 -6.24 -12.28 24.75
CA PRO B 277 -4.94 -11.74 25.10
C PRO B 277 -4.90 -10.21 25.02
N ALA B 278 -4.02 -9.61 25.81
CA ALA B 278 -3.84 -8.16 25.82
C ALA B 278 -3.53 -7.59 24.43
N VAL B 279 -2.82 -8.36 23.62
CA VAL B 279 -2.43 -7.91 22.29
C VAL B 279 -3.64 -7.75 21.33
N LEU B 280 -4.77 -8.32 21.69
CA LEU B 280 -6.00 -8.15 20.92
C LEU B 280 -6.88 -7.09 21.58
N ARG B 281 -6.91 -5.89 21.02
CA ARG B 281 -7.70 -4.83 21.61
C ARG B 281 -9.17 -4.98 21.24
N LYS B 282 -9.40 -5.64 20.12
CA LYS B 282 -10.76 -5.96 19.66
C LYS B 282 -10.80 -7.40 19.17
N LEU B 283 -11.95 -8.05 19.37
CA LEU B 283 -12.20 -9.34 18.73
C LEU B 283 -13.29 -9.09 17.70
N ARG B 284 -12.94 -9.14 16.42
CA ARG B 284 -13.88 -8.67 15.39
C ARG B 284 -14.71 -9.77 14.72
N PHE B 285 -14.07 -10.90 14.44
CA PHE B 285 -14.70 -11.98 13.69
C PHE B 285 -14.27 -13.25 14.36
N THR B 286 -15.20 -13.97 15.01
CA THR B 286 -14.83 -15.03 15.93
C THR B 286 -15.58 -16.34 15.70
N ALA B 287 -14.96 -17.45 16.08
CA ALA B 287 -15.60 -18.77 15.98
C ALA B 287 -16.83 -18.90 16.86
N VAL B 288 -17.84 -19.59 16.34
CA VAL B 288 -19.02 -19.97 17.08
C VAL B 288 -18.83 -21.45 17.42
N PRO B 289 -19.01 -21.82 18.69
CA PRO B 289 -18.93 -23.20 19.19
C PRO B 289 -19.55 -24.22 18.22
#